data_4G7A
#
_entry.id   4G7A
#
_cell.length_a   48.50
_cell.length_b   68.36
_cell.length_c   74.69
_cell.angle_alpha   90.00
_cell.angle_beta   106.03
_cell.angle_gamma   90.00
#
_symmetry.space_group_name_H-M   'P 1 21 1'
#
loop_
_entity.id
_entity.type
_entity.pdbx_description
1 polymer 'Carbonate dehydratase'
2 non-polymer 'ZINC ION'
3 non-polymer 5-ACETAMIDO-1,3,4-THIADIAZOLE-2-SULFONAMIDE
4 water water
#
_entity_poly.entity_id   1
_entity_poly.type   'polypeptide(L)'
_entity_poly.pdbx_seq_one_letter_code
;MGSSHHHHHHSSGLVPRGSHMLEHEWSYEGEKGPEHWAQLKPEFFWCKLKNQSPINIDKKYKVKANLPKLNLYYKTAKES
EVVNNGHTIQINIKEDNTLNYLGEKYQLKQFHFHTPSEHTIEKKSYPLEIHFVHKTEDGKILVVGVMAKLGKTNKELDKI
LNVAPAEEGEKILDKNLNLNNLIPKDKRYMTYSGSLTTPPCTEGVRWIVLKKPISISKQQLEKLKSVMVNPNNRPVQEIN
SRWIIEGF
;
_entity_poly.pdbx_strand_id   A,B
#
# COMPACT_ATOMS: atom_id res chain seq x y z
N GLU A 25 -17.98 18.03 9.71
CA GLU A 25 -18.86 17.70 8.56
C GLU A 25 -18.13 17.93 7.24
N TRP A 26 -18.55 17.18 6.22
CA TRP A 26 -17.96 17.25 4.90
C TRP A 26 -19.05 16.93 3.88
N SER A 27 -18.74 17.10 2.60
CA SER A 27 -19.71 16.82 1.55
C SER A 27 -19.00 16.44 0.24
N TYR A 28 -19.77 16.39 -0.85
CA TYR A 28 -19.22 16.04 -2.16
C TYR A 28 -19.19 17.26 -3.09
N GLU A 29 -19.50 18.43 -2.54
CA GLU A 29 -19.49 19.66 -3.32
C GLU A 29 -19.26 20.88 -2.46
N GLY A 30 -18.83 21.98 -3.08
CA GLY A 30 -18.59 23.21 -2.34
C GLY A 30 -17.26 23.25 -1.62
N GLU A 31 -17.18 24.08 -0.59
CA GLU A 31 -15.95 24.23 0.18
C GLU A 31 -15.69 23.03 1.09
N LYS A 32 -16.70 22.19 1.28
CA LYS A 32 -16.55 21.00 2.10
C LYS A 32 -16.36 19.79 1.19
N GLY A 33 -16.10 20.06 -0.08
CA GLY A 33 -15.91 19.00 -1.07
C GLY A 33 -14.61 18.23 -0.98
N PRO A 34 -14.50 17.09 -1.70
CA PRO A 34 -13.34 16.20 -1.73
C PRO A 34 -11.97 16.88 -1.75
N GLU A 35 -11.83 17.91 -2.58
CA GLU A 35 -10.57 18.63 -2.68
C GLU A 35 -10.19 19.37 -1.41
N HIS A 36 -11.16 19.57 -0.52
CA HIS A 36 -10.89 20.31 0.73
C HIS A 36 -10.97 19.47 2.00
N TRP A 37 -11.25 18.18 1.88
CA TRP A 37 -11.37 17.31 3.04
C TRP A 37 -10.24 17.38 4.06
N ALA A 38 -9.00 17.21 3.59
CA ALA A 38 -7.85 17.23 4.49
C ALA A 38 -7.73 18.53 5.30
N GLN A 39 -8.31 19.61 4.81
CA GLN A 39 -8.24 20.90 5.48
C GLN A 39 -9.38 21.18 6.46
N LEU A 40 -10.41 20.34 6.43
CA LEU A 40 -11.57 20.53 7.30
C LEU A 40 -11.31 20.22 8.77
N LYS A 41 -10.53 19.17 9.03
CA LYS A 41 -10.21 18.76 10.39
C LYS A 41 -8.82 18.14 10.42
N PRO A 42 -8.13 18.24 11.56
CA PRO A 42 -6.78 17.65 11.66
C PRO A 42 -6.81 16.15 11.43
N GLU A 43 -7.87 15.50 11.90
CA GLU A 43 -8.01 14.05 11.75
C GLU A 43 -8.20 13.59 10.31
N PHE A 44 -8.44 14.53 9.39
CA PHE A 44 -8.65 14.17 8.00
C PHE A 44 -7.38 14.24 7.17
N PHE A 45 -6.23 14.36 7.84
CA PHE A 45 -4.96 14.47 7.14
C PHE A 45 -4.71 13.32 6.17
N TRP A 46 -5.29 12.16 6.46
CA TRP A 46 -5.12 10.98 5.61
C TRP A 46 -5.60 11.21 4.18
N CYS A 47 -6.64 12.04 4.04
CA CYS A 47 -7.23 12.29 2.73
C CYS A 47 -6.31 12.81 1.64
N LYS A 48 -5.12 13.26 2.02
CA LYS A 48 -4.18 13.79 1.04
C LYS A 48 -2.92 12.92 0.91
N LEU A 49 -2.97 11.70 1.43
CA LEU A 49 -1.78 10.86 1.38
C LEU A 49 -1.58 10.00 0.12
N LYS A 50 -0.68 9.02 0.22
CA LYS A 50 -0.31 8.18 -0.92
C LYS A 50 -0.99 6.83 -1.17
N ASN A 51 -1.88 6.40 -0.30
CA ASN A 51 -2.54 5.12 -0.51
C ASN A 51 -4.05 5.25 -0.37
N GLN A 52 -4.58 6.25 -1.07
CA GLN A 52 -5.99 6.57 -1.03
C GLN A 52 -6.88 5.83 -2.02
N SER A 53 -8.17 5.78 -1.67
CA SER A 53 -9.20 5.13 -2.48
C SER A 53 -10.29 6.15 -2.76
N PRO A 54 -11.05 5.95 -3.85
CA PRO A 54 -10.93 4.84 -4.81
C PRO A 54 -9.84 5.11 -5.83
N ILE A 55 -9.69 4.18 -6.78
CA ILE A 55 -8.71 4.29 -7.85
C ILE A 55 -9.31 3.74 -9.14
N ASN A 56 -8.64 4.01 -10.25
CA ASN A 56 -9.05 3.47 -11.52
C ASN A 56 -8.23 2.20 -11.64
N ILE A 57 -8.89 1.07 -11.89
CA ILE A 57 -8.16 -0.19 -12.04
C ILE A 57 -7.56 -0.15 -13.44
N ASP A 58 -6.27 0.15 -13.49
CA ASP A 58 -5.51 0.29 -14.74
C ASP A 58 -4.65 -0.95 -14.99
N LYS A 59 -4.78 -1.54 -16.17
CA LYS A 59 -4.00 -2.73 -16.53
C LYS A 59 -2.50 -2.55 -16.33
N LYS A 60 -2.02 -1.33 -16.54
CA LYS A 60 -0.59 -1.06 -16.39
C LYS A 60 -0.06 -1.33 -14.99
N TYR A 61 -0.92 -1.17 -14.00
CA TYR A 61 -0.52 -1.38 -12.61
C TYR A 61 -1.22 -2.58 -12.01
N LYS A 62 -1.57 -3.55 -12.85
CA LYS A 62 -2.27 -4.74 -12.40
C LYS A 62 -1.56 -6.02 -12.82
N VAL A 63 -1.51 -6.98 -11.90
CA VAL A 63 -0.91 -8.27 -12.19
C VAL A 63 -1.99 -9.32 -11.93
N LYS A 64 -1.82 -10.51 -12.46
CA LYS A 64 -2.79 -11.59 -12.28
C LYS A 64 -2.10 -12.71 -11.52
N ALA A 65 -2.73 -13.15 -10.43
CA ALA A 65 -2.19 -14.21 -9.61
C ALA A 65 -3.27 -14.86 -8.78
N ASN A 66 -3.04 -16.10 -8.38
CA ASN A 66 -4.01 -16.84 -7.59
C ASN A 66 -4.11 -16.19 -6.21
N LEU A 67 -5.30 -15.73 -5.85
CA LEU A 67 -5.52 -15.10 -4.56
C LEU A 67 -6.39 -15.99 -3.68
N PRO A 68 -6.42 -15.74 -2.36
CA PRO A 68 -7.23 -16.55 -1.45
C PRO A 68 -8.70 -16.56 -1.89
N LYS A 69 -9.37 -17.68 -1.70
CA LYS A 69 -10.78 -17.78 -2.06
C LYS A 69 -11.54 -16.77 -1.21
N LEU A 70 -12.55 -16.14 -1.79
CA LEU A 70 -13.36 -15.16 -1.05
C LEU A 70 -14.64 -15.88 -0.65
N ASN A 71 -14.71 -16.25 0.63
CA ASN A 71 -15.88 -16.96 1.14
C ASN A 71 -16.76 -16.08 2.03
N LEU A 72 -17.79 -15.49 1.43
CA LEU A 72 -18.71 -14.61 2.17
C LEU A 72 -19.83 -15.41 2.82
N TYR A 73 -20.71 -15.95 1.98
CA TYR A 73 -21.83 -16.77 2.44
C TYR A 73 -22.49 -16.17 3.68
N TYR A 74 -23.07 -14.99 3.54
CA TYR A 74 -23.71 -14.33 4.67
C TYR A 74 -25.00 -14.98 5.16
N LYS A 75 -25.27 -14.81 6.45
CA LYS A 75 -26.49 -15.33 7.07
C LYS A 75 -27.62 -14.39 6.64
N THR A 76 -28.86 -14.89 6.67
CA THR A 76 -29.99 -14.06 6.30
C THR A 76 -29.97 -12.83 7.21
N ALA A 77 -30.25 -11.66 6.65
CA ALA A 77 -30.25 -10.43 7.43
C ALA A 77 -31.66 -10.10 7.88
N LYS A 78 -31.90 -10.26 9.18
CA LYS A 78 -33.21 -10.00 9.75
C LYS A 78 -33.29 -8.65 10.45
N GLU A 79 -34.41 -7.96 10.27
CA GLU A 79 -34.65 -6.67 10.88
C GLU A 79 -33.47 -5.70 10.78
N SER A 80 -32.83 -5.67 9.62
N SER A 80 -32.83 -5.67 9.62
CA SER A 80 -31.70 -4.77 9.40
CA SER A 80 -31.70 -4.77 9.40
C SER A 80 -32.17 -3.32 9.46
C SER A 80 -32.17 -3.32 9.46
N GLU A 81 -31.25 -2.42 9.80
CA GLU A 81 -31.59 -1.00 9.88
C GLU A 81 -31.12 -0.21 8.67
N VAL A 82 -32.06 0.42 7.98
CA VAL A 82 -31.72 1.22 6.81
C VAL A 82 -31.57 2.68 7.24
N VAL A 83 -30.40 3.24 7.00
CA VAL A 83 -30.10 4.60 7.41
C VAL A 83 -29.72 5.55 6.28
N ASN A 84 -30.26 6.76 6.35
CA ASN A 84 -29.92 7.80 5.39
C ASN A 84 -29.16 8.78 6.28
N ASN A 85 -27.84 8.86 6.12
CA ASN A 85 -27.04 9.76 6.95
C ASN A 85 -26.59 11.03 6.22
N GLY A 86 -27.24 11.33 5.11
CA GLY A 86 -26.89 12.52 4.35
C GLY A 86 -25.72 12.35 3.40
N HIS A 87 -25.06 11.18 3.47
CA HIS A 87 -23.92 10.90 2.61
C HIS A 87 -24.15 9.64 1.77
N THR A 88 -25.06 8.78 2.21
CA THR A 88 -25.35 7.54 1.50
C THR A 88 -26.55 6.88 2.17
N ILE A 89 -26.93 5.71 1.65
CA ILE A 89 -28.00 4.93 2.24
C ILE A 89 -27.23 3.74 2.77
N GLN A 90 -27.28 3.52 4.08
CA GLN A 90 -26.55 2.43 4.71
C GLN A 90 -27.47 1.44 5.39
N ILE A 91 -27.08 0.17 5.33
CA ILE A 91 -27.87 -0.88 5.96
C ILE A 91 -27.01 -1.58 7.00
N ASN A 92 -27.37 -1.41 8.26
CA ASN A 92 -26.63 -2.02 9.36
C ASN A 92 -27.15 -3.43 9.62
N ILE A 93 -26.21 -4.37 9.72
CA ILE A 93 -26.51 -5.79 9.93
C ILE A 93 -26.46 -6.22 11.39
N LYS A 94 -27.51 -6.92 11.82
CA LYS A 94 -27.65 -7.40 13.19
C LYS A 94 -26.92 -8.71 13.50
N GLU A 95 -26.91 -9.63 12.54
CA GLU A 95 -26.26 -10.92 12.72
C GLU A 95 -24.74 -10.82 12.77
N ASP A 96 -24.10 -11.84 13.34
CA ASP A 96 -22.66 -11.91 13.44
C ASP A 96 -22.14 -12.77 12.30
N ASN A 97 -21.70 -12.14 11.22
CA ASN A 97 -21.16 -12.85 10.07
C ASN A 97 -19.65 -12.80 10.11
N THR A 98 -19.01 -13.94 9.90
CA THR A 98 -17.55 -13.99 9.91
C THR A 98 -16.98 -14.23 8.53
N LEU A 99 -16.07 -13.36 8.12
CA LEU A 99 -15.40 -13.50 6.83
C LEU A 99 -13.95 -13.83 7.19
N ASN A 100 -13.55 -15.07 6.96
CA ASN A 100 -12.19 -15.49 7.26
C ASN A 100 -11.31 -15.20 6.07
N TYR A 101 -10.33 -14.34 6.26
CA TYR A 101 -9.42 -13.96 5.19
C TYR A 101 -8.02 -13.75 5.74
N LEU A 102 -7.06 -14.49 5.19
CA LEU A 102 -5.67 -14.43 5.63
C LEU A 102 -5.55 -14.62 7.15
N GLY A 103 -6.33 -15.56 7.67
CA GLY A 103 -6.28 -15.85 9.09
C GLY A 103 -6.91 -14.82 10.01
N GLU A 104 -7.56 -13.81 9.44
CA GLU A 104 -8.21 -12.76 10.24
C GLU A 104 -9.72 -13.00 10.20
N LYS A 105 -10.40 -12.68 11.29
CA LYS A 105 -11.84 -12.85 11.37
C LYS A 105 -12.53 -11.50 11.22
N TYR A 106 -13.00 -11.21 10.01
CA TYR A 106 -13.67 -9.93 9.75
C TYR A 106 -15.16 -10.09 9.94
N GLN A 107 -15.77 -9.14 10.63
CA GLN A 107 -17.20 -9.17 10.86
C GLN A 107 -17.89 -8.12 10.01
N LEU A 108 -18.89 -8.53 9.23
CA LEU A 108 -19.61 -7.59 8.38
C LEU A 108 -20.38 -6.65 9.31
N LYS A 109 -20.22 -5.35 9.10
CA LYS A 109 -20.89 -4.36 9.93
C LYS A 109 -22.09 -3.72 9.23
N GLN A 110 -21.92 -3.43 7.95
CA GLN A 110 -22.95 -2.75 7.17
C GLN A 110 -22.54 -2.71 5.72
N PHE A 111 -23.47 -2.29 4.87
CA PHE A 111 -23.14 -2.09 3.46
C PHE A 111 -23.88 -0.81 3.05
N HIS A 112 -23.34 -0.08 2.07
CA HIS A 112 -23.96 1.16 1.63
C HIS A 112 -23.74 1.38 0.14
N PHE A 113 -24.35 2.44 -0.39
CA PHE A 113 -24.30 2.74 -1.81
C PHE A 113 -23.62 4.02 -2.27
N HIS A 114 -23.08 3.95 -3.49
CA HIS A 114 -22.44 5.09 -4.15
C HIS A 114 -22.90 5.11 -5.60
N THR A 115 -23.38 6.27 -6.04
CA THR A 115 -23.83 6.45 -7.42
C THR A 115 -23.28 7.79 -7.90
N PRO A 116 -22.47 7.77 -8.97
CA PRO A 116 -22.05 6.59 -9.72
C PRO A 116 -20.99 5.83 -8.91
N SER A 117 -20.34 4.84 -9.52
CA SER A 117 -19.33 4.07 -8.81
C SER A 117 -18.12 4.91 -8.42
N GLU A 118 -17.42 4.48 -7.37
CA GLU A 118 -16.23 5.19 -6.91
C GLU A 118 -15.03 4.67 -7.68
N HIS A 119 -14.86 3.35 -7.72
CA HIS A 119 -13.77 2.80 -8.50
C HIS A 119 -14.23 2.78 -9.96
N THR A 120 -13.27 2.82 -10.88
CA THR A 120 -13.59 2.69 -12.29
C THR A 120 -12.68 1.55 -12.71
N ILE A 121 -13.08 0.80 -13.72
CA ILE A 121 -12.29 -0.32 -14.17
C ILE A 121 -11.89 -0.04 -15.61
N GLU A 122 -10.60 0.22 -15.81
CA GLU A 122 -10.10 0.56 -17.13
C GLU A 122 -10.91 1.74 -17.64
N LYS A 123 -11.15 2.67 -16.70
CA LYS A 123 -11.89 3.90 -16.94
C LYS A 123 -13.40 3.75 -17.11
N LYS A 124 -13.89 2.52 -16.98
CA LYS A 124 -15.32 2.28 -17.10
C LYS A 124 -16.00 2.54 -15.75
N SER A 125 -17.06 3.34 -15.78
N SER A 125 -17.05 3.34 -15.77
CA SER A 125 -17.81 3.67 -14.58
CA SER A 125 -17.79 3.63 -14.56
C SER A 125 -19.12 2.88 -14.57
C SER A 125 -19.07 2.81 -14.56
N TYR A 126 -19.60 2.54 -13.37
CA TYR A 126 -20.84 1.78 -13.23
C TYR A 126 -21.83 2.71 -12.54
N PRO A 127 -23.13 2.57 -12.84
CA PRO A 127 -24.13 3.43 -12.19
C PRO A 127 -24.22 3.29 -10.67
N LEU A 128 -23.80 2.13 -10.16
CA LEU A 128 -23.85 1.88 -8.71
C LEU A 128 -22.70 1.00 -8.22
N GLU A 129 -22.17 1.31 -7.04
CA GLU A 129 -21.12 0.52 -6.42
C GLU A 129 -21.55 0.28 -4.98
N ILE A 130 -21.55 -0.98 -4.57
CA ILE A 130 -21.97 -1.34 -3.22
C ILE A 130 -20.74 -1.69 -2.39
N HIS A 131 -20.69 -1.18 -1.16
CA HIS A 131 -19.57 -1.43 -0.26
C HIS A 131 -20.02 -2.21 0.97
N PHE A 132 -19.46 -3.41 1.14
CA PHE A 132 -19.74 -4.25 2.30
C PHE A 132 -18.55 -4.05 3.23
N VAL A 133 -18.76 -3.33 4.32
CA VAL A 133 -17.70 -3.01 5.27
C VAL A 133 -17.55 -4.04 6.40
N HIS A 134 -16.37 -4.61 6.50
CA HIS A 134 -16.06 -5.62 7.52
C HIS A 134 -14.94 -5.11 8.42
N LYS A 135 -14.93 -5.56 9.67
CA LYS A 135 -13.89 -5.13 10.60
C LYS A 135 -13.57 -6.23 11.60
N THR A 136 -12.29 -6.39 11.92
CA THR A 136 -11.89 -7.40 12.90
C THR A 136 -12.01 -6.77 14.28
N GLU A 137 -12.00 -7.58 15.33
CA GLU A 137 -12.09 -7.05 16.68
C GLU A 137 -11.00 -6.03 16.96
N ASP A 138 -9.81 -6.26 16.38
CA ASP A 138 -8.70 -5.35 16.60
C ASP A 138 -8.62 -4.15 15.65
N GLY A 139 -9.67 -3.93 14.87
CA GLY A 139 -9.70 -2.78 13.99
C GLY A 139 -9.31 -2.89 12.52
N LYS A 140 -8.89 -4.05 12.03
CA LYS A 140 -8.54 -4.18 10.63
C LYS A 140 -9.80 -4.07 9.78
N ILE A 141 -9.74 -3.24 8.75
CA ILE A 141 -10.89 -3.02 7.88
C ILE A 141 -10.73 -3.61 6.46
N LEU A 142 -11.77 -4.29 6.00
CA LEU A 142 -11.78 -4.90 4.68
C LEU A 142 -13.12 -4.56 4.04
N VAL A 143 -13.07 -3.90 2.89
CA VAL A 143 -14.29 -3.53 2.19
C VAL A 143 -14.39 -4.31 0.89
N VAL A 144 -15.56 -4.90 0.66
CA VAL A 144 -15.84 -5.64 -0.55
C VAL A 144 -16.71 -4.75 -1.41
N GLY A 145 -16.21 -4.40 -2.59
CA GLY A 145 -16.96 -3.53 -3.48
C GLY A 145 -17.60 -4.33 -4.61
N VAL A 146 -18.87 -4.05 -4.88
CA VAL A 146 -19.60 -4.74 -5.93
C VAL A 146 -20.18 -3.72 -6.89
N MET A 147 -19.91 -3.90 -8.18
CA MET A 147 -20.42 -2.99 -9.20
C MET A 147 -21.79 -3.48 -9.66
N ALA A 148 -22.62 -2.56 -10.12
CA ALA A 148 -23.94 -2.92 -10.62
C ALA A 148 -24.17 -2.16 -11.92
N LYS A 149 -24.64 -2.90 -12.93
CA LYS A 149 -24.95 -2.33 -14.24
C LYS A 149 -26.46 -2.35 -14.37
N LEU A 150 -27.00 -1.54 -15.27
CA LEU A 150 -28.44 -1.54 -15.47
C LEU A 150 -28.80 -2.81 -16.20
N GLY A 151 -29.87 -3.45 -15.75
CA GLY A 151 -30.33 -4.68 -16.35
C GLY A 151 -31.50 -5.22 -15.58
N LYS A 152 -31.51 -6.52 -15.33
CA LYS A 152 -32.61 -7.14 -14.61
C LYS A 152 -32.74 -6.61 -13.20
N THR A 153 -33.97 -6.46 -12.75
CA THR A 153 -34.27 -5.96 -11.41
C THR A 153 -33.65 -6.85 -10.34
N ASN A 154 -33.15 -6.24 -9.27
CA ASN A 154 -32.59 -7.03 -8.18
C ASN A 154 -33.64 -7.07 -7.06
N LYS A 155 -34.11 -8.27 -6.73
CA LYS A 155 -35.15 -8.43 -5.72
C LYS A 155 -34.84 -7.86 -4.34
N GLU A 156 -33.62 -8.04 -3.87
CA GLU A 156 -33.23 -7.54 -2.55
C GLU A 156 -33.28 -6.02 -2.46
N LEU A 157 -32.76 -5.34 -3.49
CA LEU A 157 -32.71 -3.89 -3.49
C LEU A 157 -34.08 -3.23 -3.33
N ASP A 158 -35.14 -3.83 -3.87
CA ASP A 158 -36.46 -3.25 -3.72
C ASP A 158 -36.89 -3.20 -2.25
N LYS A 159 -36.55 -4.24 -1.50
CA LYS A 159 -36.89 -4.31 -0.08
C LYS A 159 -36.28 -3.13 0.67
N ILE A 160 -35.03 -2.83 0.33
CA ILE A 160 -34.31 -1.72 0.94
C ILE A 160 -34.87 -0.37 0.53
N LEU A 161 -35.02 -0.16 -0.78
CA LEU A 161 -35.52 1.11 -1.28
C LEU A 161 -36.96 1.43 -0.87
N ASN A 162 -37.76 0.40 -0.59
CA ASN A 162 -39.14 0.63 -0.19
C ASN A 162 -39.27 1.30 1.17
N VAL A 163 -38.23 1.21 2.00
CA VAL A 163 -38.28 1.81 3.32
C VAL A 163 -37.17 2.83 3.59
N ALA A 164 -36.29 3.03 2.61
CA ALA A 164 -35.20 3.98 2.77
C ALA A 164 -35.70 5.41 2.92
N PRO A 165 -35.31 6.09 4.02
CA PRO A 165 -35.72 7.47 4.29
C PRO A 165 -35.16 8.41 3.22
N ALA A 166 -35.99 9.32 2.72
CA ALA A 166 -35.56 10.26 1.69
C ALA A 166 -34.79 11.42 2.30
N GLU A 167 -34.88 11.53 3.62
CA GLU A 167 -34.19 12.58 4.36
C GLU A 167 -33.44 11.84 5.46
N GLU A 168 -32.47 12.51 6.09
CA GLU A 168 -31.71 11.86 7.15
C GLU A 168 -32.63 11.24 8.19
N GLY A 169 -32.46 9.94 8.41
CA GLY A 169 -33.27 9.22 9.36
C GLY A 169 -32.94 7.75 9.30
N GLU A 170 -33.62 6.96 10.14
CA GLU A 170 -33.38 5.52 10.19
C GLU A 170 -34.70 4.78 10.19
N LYS A 171 -34.69 3.58 9.62
CA LYS A 171 -35.90 2.75 9.54
C LYS A 171 -35.56 1.27 9.59
N ILE A 172 -36.26 0.52 10.44
CA ILE A 172 -36.01 -0.92 10.55
C ILE A 172 -36.77 -1.66 9.46
N LEU A 173 -36.06 -2.51 8.74
CA LEU A 173 -36.65 -3.29 7.65
C LEU A 173 -37.38 -4.51 8.20
N ASP A 174 -38.66 -4.63 7.86
CA ASP A 174 -39.49 -5.76 8.33
C ASP A 174 -39.24 -7.04 7.54
N LYS A 175 -38.67 -6.92 6.35
CA LYS A 175 -38.40 -8.09 5.52
C LYS A 175 -36.95 -8.54 5.64
N ASN A 176 -36.73 -9.85 5.49
CA ASN A 176 -35.38 -10.40 5.56
C ASN A 176 -34.68 -10.09 4.25
N LEU A 177 -33.36 -10.02 4.31
CA LEU A 177 -32.56 -9.75 3.12
C LEU A 177 -31.60 -10.89 2.89
N ASN A 178 -31.41 -11.27 1.63
CA ASN A 178 -30.43 -12.30 1.33
C ASN A 178 -29.30 -11.48 0.74
N LEU A 179 -28.36 -11.09 1.59
CA LEU A 179 -27.22 -10.26 1.17
C LEU A 179 -26.45 -10.87 0.02
N ASN A 180 -26.45 -12.20 -0.06
CA ASN A 180 -25.73 -12.90 -1.11
C ASN A 180 -26.25 -12.62 -2.51
N ASN A 181 -27.48 -12.12 -2.60
CA ASN A 181 -28.05 -11.80 -3.91
C ASN A 181 -27.69 -10.39 -4.37
N LEU A 182 -26.85 -9.71 -3.59
CA LEU A 182 -26.39 -8.37 -3.92
C LEU A 182 -24.91 -8.46 -4.31
N ILE A 183 -24.45 -9.69 -4.50
CA ILE A 183 -23.07 -9.98 -4.85
C ILE A 183 -23.08 -11.02 -5.97
N PRO A 184 -22.22 -10.86 -6.97
CA PRO A 184 -22.22 -11.86 -8.05
C PRO A 184 -21.92 -13.25 -7.51
N LYS A 185 -22.49 -14.27 -8.12
CA LYS A 185 -22.22 -15.62 -7.67
C LYS A 185 -20.74 -15.90 -7.89
N ASP A 186 -20.21 -15.48 -9.05
CA ASP A 186 -18.79 -15.66 -9.37
C ASP A 186 -17.99 -14.73 -8.45
N LYS A 187 -17.17 -15.29 -7.58
CA LYS A 187 -16.41 -14.46 -6.65
C LYS A 187 -15.00 -14.00 -7.11
N ARG A 188 -14.72 -14.09 -8.41
CA ARG A 188 -13.41 -13.64 -8.88
C ARG A 188 -13.24 -12.17 -8.53
N TYR A 189 -12.10 -11.80 -7.97
CA TYR A 189 -11.89 -10.42 -7.55
C TYR A 189 -10.50 -9.83 -7.74
N MET A 190 -10.42 -8.52 -7.55
CA MET A 190 -9.16 -7.78 -7.65
C MET A 190 -8.96 -7.16 -6.27
N THR A 191 -7.72 -6.99 -5.85
CA THR A 191 -7.48 -6.42 -4.52
C THR A 191 -6.30 -5.45 -4.53
N TYR A 192 -6.30 -4.53 -3.58
CA TYR A 192 -5.22 -3.56 -3.42
C TYR A 192 -5.33 -2.95 -2.03
N SER A 193 -4.26 -2.27 -1.60
CA SER A 193 -4.21 -1.63 -0.29
C SER A 193 -4.68 -0.19 -0.45
N GLY A 194 -5.76 0.18 0.24
CA GLY A 194 -6.28 1.52 0.11
C GLY A 194 -6.73 2.21 1.38
N SER A 195 -7.85 2.93 1.27
CA SER A 195 -8.38 3.69 2.40
C SER A 195 -9.89 3.80 2.36
N LEU A 196 -10.42 4.48 3.38
CA LEU A 196 -11.85 4.73 3.42
C LEU A 196 -12.00 5.82 2.37
N THR A 197 -13.12 5.85 1.65
CA THR A 197 -13.32 6.86 0.62
C THR A 197 -14.04 8.10 1.13
N THR A 198 -14.22 8.18 2.44
CA THR A 198 -14.85 9.35 3.06
C THR A 198 -14.00 9.72 4.27
N PRO A 199 -14.01 10.99 4.67
CA PRO A 199 -13.21 11.41 5.83
C PRO A 199 -13.50 10.51 7.04
N PRO A 200 -12.47 10.21 7.86
CA PRO A 200 -11.05 10.61 7.82
C PRO A 200 -10.14 9.98 6.77
N CYS A 201 -10.70 9.18 5.86
CA CYS A 201 -9.92 8.56 4.80
C CYS A 201 -8.78 7.67 5.30
N THR A 202 -8.96 7.06 6.47
CA THR A 202 -7.93 6.20 7.07
C THR A 202 -7.40 5.15 6.11
N GLU A 203 -6.08 4.97 6.08
CA GLU A 203 -5.49 3.98 5.20
C GLU A 203 -5.31 2.64 5.89
N GLY A 204 -4.68 1.69 5.20
CA GLY A 204 -4.50 0.37 5.78
C GLY A 204 -5.75 -0.46 5.57
N VAL A 205 -6.63 0.01 4.68
CA VAL A 205 -7.89 -0.67 4.37
C VAL A 205 -7.64 -1.71 3.28
N ARG A 206 -8.16 -2.91 3.46
CA ARG A 206 -8.00 -3.96 2.45
C ARG A 206 -9.19 -3.92 1.52
N TRP A 207 -8.95 -3.59 0.27
CA TRP A 207 -10.00 -3.52 -0.73
C TRP A 207 -10.09 -4.76 -1.60
N ILE A 208 -11.32 -5.24 -1.76
CA ILE A 208 -11.62 -6.39 -2.60
C ILE A 208 -12.75 -5.93 -3.50
N VAL A 209 -12.49 -5.88 -4.80
CA VAL A 209 -13.50 -5.45 -5.77
C VAL A 209 -13.85 -6.61 -6.69
N LEU A 210 -15.11 -7.03 -6.70
CA LEU A 210 -15.55 -8.14 -7.55
C LEU A 210 -15.43 -7.78 -9.01
N LYS A 211 -14.97 -8.72 -9.82
CA LYS A 211 -14.80 -8.49 -11.25
C LYS A 211 -16.14 -8.39 -11.99
N LYS A 212 -17.07 -9.25 -11.61
CA LYS A 212 -18.38 -9.30 -12.24
C LYS A 212 -19.42 -8.44 -11.54
N PRO A 213 -20.15 -7.62 -12.30
CA PRO A 213 -21.17 -6.78 -11.67
C PRO A 213 -22.50 -7.52 -11.51
N ILE A 214 -23.36 -6.98 -10.65
CA ILE A 214 -24.69 -7.54 -10.49
C ILE A 214 -25.53 -6.58 -11.33
N SER A 215 -26.83 -6.80 -11.41
CA SER A 215 -27.67 -5.90 -12.19
C SER A 215 -28.76 -5.28 -11.32
N ILE A 216 -29.17 -4.07 -11.67
CA ILE A 216 -30.26 -3.39 -11.00
C ILE A 216 -31.06 -2.79 -12.15
N SER A 217 -32.34 -2.52 -11.94
CA SER A 217 -33.16 -1.95 -13.00
C SER A 217 -33.00 -0.43 -13.03
N LYS A 218 -33.38 0.17 -14.15
CA LYS A 218 -33.31 1.62 -14.28
C LYS A 218 -34.20 2.22 -13.20
N GLN A 219 -35.36 1.59 -13.01
CA GLN A 219 -36.32 2.06 -12.01
C GLN A 219 -35.70 2.10 -10.61
N GLN A 220 -34.96 1.06 -10.26
CA GLN A 220 -34.32 1.01 -8.94
C GLN A 220 -33.26 2.10 -8.83
N LEU A 221 -32.53 2.36 -9.91
CA LEU A 221 -31.51 3.39 -9.88
C LEU A 221 -32.15 4.75 -9.66
N GLU A 222 -33.26 5.00 -10.35
CA GLU A 222 -33.99 6.26 -10.20
C GLU A 222 -34.49 6.41 -8.78
N LYS A 223 -35.05 5.33 -8.25
CA LYS A 223 -35.57 5.34 -6.88
C LYS A 223 -34.46 5.65 -5.88
N LEU A 224 -33.31 4.99 -6.06
CA LEU A 224 -32.19 5.23 -5.15
C LEU A 224 -31.78 6.69 -5.20
N LYS A 225 -31.65 7.23 -6.40
CA LYS A 225 -31.26 8.62 -6.55
C LYS A 225 -32.29 9.60 -6.00
N SER A 226 -33.53 9.16 -5.87
CA SER A 226 -34.58 10.03 -5.36
C SER A 226 -34.52 10.13 -3.84
N VAL A 227 -33.84 9.20 -3.19
CA VAL A 227 -33.73 9.23 -1.74
C VAL A 227 -32.30 9.43 -1.21
N MET A 228 -31.30 9.17 -2.04
CA MET A 228 -29.91 9.32 -1.62
C MET A 228 -29.21 10.48 -2.29
N VAL A 229 -28.37 11.18 -1.54
CA VAL A 229 -27.62 12.31 -2.10
C VAL A 229 -26.73 11.76 -3.22
N ASN A 230 -26.68 12.46 -4.35
CA ASN A 230 -25.88 12.01 -5.47
C ASN A 230 -25.56 13.18 -6.40
N PRO A 231 -24.39 13.15 -7.08
CA PRO A 231 -23.40 12.08 -6.99
C PRO A 231 -22.68 12.04 -5.64
N ASN A 232 -22.37 10.83 -5.16
CA ASN A 232 -21.70 10.70 -3.89
C ASN A 232 -20.48 9.78 -4.00
N ASN A 233 -19.76 9.93 -5.12
CA ASN A 233 -18.55 9.17 -5.38
C ASN A 233 -17.35 10.11 -5.26
N ARG A 234 -16.30 9.63 -4.59
CA ARG A 234 -15.10 10.44 -4.44
C ARG A 234 -14.27 10.28 -5.71
N PRO A 235 -13.61 11.36 -6.16
CA PRO A 235 -12.79 11.26 -7.38
C PRO A 235 -11.72 10.19 -7.21
N VAL A 236 -11.34 9.52 -8.30
CA VAL A 236 -10.29 8.50 -8.22
C VAL A 236 -8.98 9.15 -7.79
N GLN A 237 -8.21 8.40 -7.02
CA GLN A 237 -6.94 8.87 -6.47
C GLN A 237 -5.70 8.32 -7.19
N GLU A 238 -4.54 8.92 -6.90
CA GLU A 238 -3.29 8.50 -7.52
C GLU A 238 -2.84 7.12 -7.04
N ILE A 239 -2.47 6.26 -7.98
CA ILE A 239 -2.04 4.90 -7.65
C ILE A 239 -0.70 4.89 -6.92
N ASN A 240 0.15 5.86 -7.26
CA ASN A 240 1.47 5.96 -6.68
C ASN A 240 2.30 4.68 -6.86
N SER A 241 2.79 4.08 -5.79
CA SER A 241 3.62 2.87 -5.96
C SER A 241 2.90 1.54 -5.78
N ARG A 242 1.57 1.57 -5.82
CA ARG A 242 0.77 0.35 -5.64
C ARG A 242 0.54 -0.52 -6.86
N TRP A 243 0.36 -1.79 -6.60
CA TRP A 243 0.03 -2.78 -7.61
C TRP A 243 -1.34 -3.32 -7.25
N ILE A 244 -2.14 -3.62 -8.26
CA ILE A 244 -3.46 -4.21 -8.08
C ILE A 244 -3.26 -5.67 -8.47
N ILE A 245 -3.80 -6.59 -7.68
CA ILE A 245 -3.69 -8.00 -8.01
C ILE A 245 -5.08 -8.53 -8.35
N GLU A 246 -5.20 -9.13 -9.52
CA GLU A 246 -6.47 -9.71 -9.96
C GLU A 246 -6.35 -11.21 -9.77
N GLY A 247 -7.31 -11.81 -9.07
CA GLY A 247 -7.26 -13.24 -8.84
C GLY A 247 -7.73 -14.03 -10.05
N PHE A 248 -7.76 -15.34 -9.91
CA PHE A 248 -8.20 -16.21 -11.00
C PHE A 248 -9.68 -16.55 -10.79
N HIS B 24 21.78 15.19 15.99
CA HIS B 24 20.88 14.62 14.94
C HIS B 24 19.41 14.78 15.30
N GLU B 25 18.55 14.89 14.30
CA GLU B 25 17.12 15.04 14.52
C GLU B 25 16.44 13.74 14.90
N TRP B 26 17.08 12.61 14.62
CA TRP B 26 16.53 11.32 14.94
C TRP B 26 17.64 10.29 15.17
N SER B 27 17.29 9.18 15.81
CA SER B 27 18.26 8.14 16.12
C SER B 27 17.63 6.75 16.08
N TYR B 28 18.45 5.73 16.33
CA TYR B 28 17.98 4.35 16.37
C TYR B 28 17.81 3.92 17.81
N GLU B 29 18.11 4.82 18.74
CA GLU B 29 17.98 4.54 20.16
C GLU B 29 17.62 5.79 20.95
N GLY B 30 17.33 5.60 22.24
CA GLY B 30 16.99 6.73 23.09
C GLY B 30 15.68 7.43 22.79
N GLU B 31 15.56 8.66 23.29
CA GLU B 31 14.38 9.49 23.12
C GLU B 31 14.02 9.78 21.67
N LYS B 32 15.02 9.76 20.78
CA LYS B 32 14.77 10.04 19.38
C LYS B 32 14.70 8.74 18.56
N GLY B 33 14.52 7.64 19.27
CA GLY B 33 14.44 6.32 18.66
C GLY B 33 13.23 6.11 17.77
N PRO B 34 13.21 5.02 16.99
CA PRO B 34 12.14 4.64 16.06
C PRO B 34 10.70 4.82 16.52
N GLU B 35 10.38 4.37 17.72
CA GLU B 35 9.01 4.50 18.23
C GLU B 35 8.60 5.93 18.52
N HIS B 36 9.55 6.86 18.49
CA HIS B 36 9.26 8.26 18.78
C HIS B 36 9.40 9.17 17.57
N TRP B 37 9.89 8.64 16.46
CA TRP B 37 10.08 9.46 15.26
C TRP B 37 8.92 10.39 14.90
N ALA B 38 7.72 9.82 14.80
CA ALA B 38 6.55 10.60 14.43
C ALA B 38 6.26 11.79 15.34
N GLN B 39 6.72 11.71 16.59
CA GLN B 39 6.47 12.79 17.55
C GLN B 39 7.59 13.83 17.61
N LEU B 40 8.66 13.63 16.86
CA LEU B 40 9.79 14.56 16.89
C LEU B 40 9.58 15.84 16.11
N LYS B 41 8.86 15.74 14.99
CA LYS B 41 8.65 16.89 14.12
C LYS B 41 7.38 16.65 13.31
N PRO B 42 6.64 17.72 12.99
CA PRO B 42 5.40 17.55 12.21
C PRO B 42 5.66 16.83 10.87
N GLU B 43 6.83 17.09 10.29
CA GLU B 43 7.19 16.49 9.02
C GLU B 43 7.41 14.98 9.07
N PHE B 44 7.53 14.43 10.28
CA PHE B 44 7.75 13.00 10.44
C PHE B 44 6.45 12.24 10.71
N PHE B 45 5.31 12.88 10.48
CA PHE B 45 4.04 12.20 10.74
C PHE B 45 3.90 10.87 10.01
N TRP B 46 4.54 10.75 8.85
CA TRP B 46 4.47 9.51 8.08
C TRP B 46 4.92 8.27 8.85
N CYS B 47 5.91 8.44 9.71
CA CYS B 47 6.48 7.32 10.45
C CYS B 47 5.54 6.44 11.24
N LYS B 48 4.35 6.92 11.56
CA LYS B 48 3.41 6.12 12.33
C LYS B 48 2.19 5.65 11.53
N LEU B 49 2.28 5.74 10.21
CA LEU B 49 1.15 5.36 9.36
C LEU B 49 1.05 3.88 8.99
N LYS B 50 0.23 3.57 7.99
CA LYS B 50 -0.06 2.18 7.60
C LYS B 50 0.70 1.50 6.47
N ASN B 51 1.56 2.22 5.76
CA ASN B 51 2.29 1.61 4.64
C ASN B 51 3.78 1.87 4.78
N GLN B 52 4.30 1.50 5.95
CA GLN B 52 5.70 1.70 6.28
C GLN B 52 6.62 0.54 5.95
N SER B 53 7.92 0.87 5.88
CA SER B 53 8.97 -0.10 5.61
C SER B 53 10.00 0.03 6.74
N PRO B 54 10.80 -1.02 6.98
CA PRO B 54 10.81 -2.29 6.25
C PRO B 54 9.70 -3.21 6.75
N ILE B 55 9.61 -4.39 6.15
CA ILE B 55 8.61 -5.38 6.55
C ILE B 55 9.24 -6.76 6.48
N ASN B 56 8.56 -7.74 7.05
CA ASN B 56 9.04 -9.11 6.97
C ASN B 56 8.38 -9.66 5.71
N ILE B 57 9.19 -10.19 4.79
CA ILE B 57 8.67 -10.76 3.57
C ILE B 57 8.18 -12.16 3.91
N ASP B 58 6.87 -12.27 4.13
CA ASP B 58 6.24 -13.53 4.51
C ASP B 58 5.42 -14.14 3.38
N LYS B 59 5.62 -15.43 3.12
CA LYS B 59 4.92 -16.14 2.05
C LYS B 59 3.41 -16.01 2.15
N LYS B 60 2.91 -15.87 3.36
CA LYS B 60 1.47 -15.75 3.59
C LYS B 60 0.87 -14.53 2.89
N TYR B 61 1.67 -13.48 2.73
CA TYR B 61 1.21 -12.25 2.11
C TYR B 61 1.92 -11.99 0.78
N LYS B 62 2.36 -13.07 0.13
CA LYS B 62 3.06 -12.92 -1.14
C LYS B 62 2.50 -13.82 -2.23
N VAL B 63 2.52 -13.32 -3.46
CA VAL B 63 2.07 -14.09 -4.61
C VAL B 63 3.12 -13.91 -5.70
N LYS B 64 3.16 -14.83 -6.65
CA LYS B 64 4.10 -14.75 -7.76
C LYS B 64 3.31 -14.34 -8.99
N ALA B 65 3.86 -13.42 -9.77
CA ALA B 65 3.17 -12.94 -10.96
C ALA B 65 4.17 -12.39 -11.96
N ASN B 66 3.66 -12.01 -13.12
CA ASN B 66 4.50 -11.43 -14.17
C ASN B 66 4.66 -9.95 -13.88
N LEU B 67 5.88 -9.57 -13.51
CA LEU B 67 6.22 -8.19 -13.19
C LEU B 67 7.17 -7.65 -14.24
N PRO B 68 7.33 -6.33 -14.30
CA PRO B 68 8.23 -5.71 -15.28
C PRO B 68 9.64 -6.25 -15.10
N LYS B 69 10.36 -6.47 -16.21
CA LYS B 69 11.72 -6.96 -16.10
C LYS B 69 12.56 -5.87 -15.44
N LEU B 70 13.47 -6.26 -14.55
CA LEU B 70 14.33 -5.29 -13.88
C LEU B 70 15.63 -5.14 -14.66
N ASN B 71 15.74 -4.05 -15.40
CA ASN B 71 16.94 -3.77 -16.18
C ASN B 71 17.81 -2.85 -15.36
N LEU B 72 18.70 -3.45 -14.58
CA LEU B 72 19.56 -2.69 -13.69
C LEU B 72 21.05 -2.86 -13.97
N TYR B 73 21.65 -1.81 -14.51
CA TYR B 73 23.08 -1.80 -14.78
C TYR B 73 23.56 -0.35 -14.64
N TYR B 74 24.60 -0.16 -13.84
CA TYR B 74 25.14 1.17 -13.59
C TYR B 74 26.46 1.45 -14.27
N LYS B 75 26.73 2.74 -14.48
CA LYS B 75 27.97 3.18 -15.08
C LYS B 75 29.03 3.11 -13.99
N THR B 76 30.29 3.04 -14.38
CA THR B 76 31.37 2.98 -13.41
C THR B 76 31.28 4.25 -12.57
N ALA B 77 31.38 4.10 -11.25
CA ALA B 77 31.31 5.25 -10.37
C ALA B 77 32.72 5.77 -10.15
N LYS B 78 32.99 6.97 -10.65
CA LYS B 78 34.31 7.57 -10.50
C LYS B 78 34.31 8.73 -9.53
N GLU B 79 35.32 8.78 -8.67
CA GLU B 79 35.46 9.83 -7.66
C GLU B 79 34.18 10.00 -6.85
N SER B 80 33.57 8.90 -6.46
CA SER B 80 32.34 8.94 -5.68
C SER B 80 32.65 9.41 -4.26
N GLU B 81 31.66 10.02 -3.62
CA GLU B 81 31.83 10.52 -2.26
C GLU B 81 31.29 9.54 -1.21
N VAL B 82 32.16 9.12 -0.30
CA VAL B 82 31.78 8.20 0.78
C VAL B 82 31.53 9.07 2.02
N VAL B 83 30.30 9.01 2.52
CA VAL B 83 29.93 9.83 3.66
C VAL B 83 29.44 9.05 4.88
N ASN B 84 29.92 9.46 6.06
CA ASN B 84 29.48 8.87 7.32
C ASN B 84 28.62 9.98 7.93
N ASN B 85 27.31 9.84 7.84
CA ASN B 85 26.40 10.86 8.37
C ASN B 85 25.86 10.55 9.76
N GLY B 86 26.48 9.59 10.44
CA GLY B 86 26.04 9.23 11.77
C GLY B 86 24.84 8.29 11.80
N HIS B 87 24.30 7.98 10.61
CA HIS B 87 23.16 7.09 10.50
C HIS B 87 23.51 5.89 9.62
N THR B 88 24.49 6.06 8.76
CA THR B 88 24.90 5.01 7.83
C THR B 88 26.17 5.43 7.09
N ILE B 89 26.59 4.60 6.14
CA ILE B 89 27.73 4.91 5.28
C ILE B 89 27.03 5.02 3.93
N GLN B 90 27.08 6.22 3.37
CA GLN B 90 26.43 6.48 2.09
C GLN B 90 27.42 6.86 1.01
N ILE B 91 27.15 6.39 -0.21
CA ILE B 91 28.01 6.70 -1.34
C ILE B 91 27.18 7.48 -2.36
N ASN B 92 27.58 8.72 -2.60
CA ASN B 92 26.90 9.57 -3.56
C ASN B 92 27.70 9.50 -4.85
N ILE B 93 27.09 9.02 -5.93
CA ILE B 93 27.80 8.91 -7.20
C ILE B 93 27.58 10.14 -8.08
N LYS B 94 28.62 10.50 -8.83
CA LYS B 94 28.59 11.66 -9.72
C LYS B 94 27.88 11.40 -11.04
N GLU B 95 27.91 10.16 -11.50
CA GLU B 95 27.30 9.80 -12.78
C GLU B 95 25.78 9.91 -12.79
N ASP B 96 25.22 9.94 -14.00
CA ASP B 96 23.78 10.03 -14.19
C ASP B 96 23.25 8.69 -14.72
N ASN B 97 22.80 7.85 -13.78
CA ASN B 97 22.27 6.52 -14.12
C ASN B 97 20.75 6.55 -14.16
N THR B 98 20.18 5.97 -15.20
CA THR B 98 18.73 5.92 -15.31
C THR B 98 18.22 4.49 -15.23
N LEU B 99 17.18 4.29 -14.42
CA LEU B 99 16.54 3.00 -14.28
C LEU B 99 15.14 3.21 -14.84
N ASN B 100 14.84 2.52 -15.94
CA ASN B 100 13.54 2.62 -16.58
C ASN B 100 12.62 1.58 -16.00
N TYR B 101 11.53 2.02 -15.40
CA TYR B 101 10.57 1.10 -14.79
C TYR B 101 9.15 1.66 -14.90
N LEU B 102 8.27 0.86 -15.47
CA LEU B 102 6.86 1.25 -15.69
C LEU B 102 6.73 2.60 -16.36
N GLY B 103 7.57 2.85 -17.36
CA GLY B 103 7.50 4.10 -18.08
C GLY B 103 8.10 5.30 -17.35
N GLU B 104 8.61 5.07 -16.15
CA GLU B 104 9.21 6.16 -15.37
C GLU B 104 10.73 6.04 -15.51
N LYS B 105 11.42 7.18 -15.45
CA LYS B 105 12.86 7.18 -15.53
C LYS B 105 13.41 7.60 -14.17
N TYR B 106 13.92 6.61 -13.42
CA TYR B 106 14.46 6.86 -12.09
C TYR B 106 15.97 7.04 -12.11
N GLN B 107 16.45 8.13 -11.50
CA GLN B 107 17.88 8.38 -11.45
C GLN B 107 18.47 7.91 -10.13
N LEU B 108 19.54 7.14 -10.18
CA LEU B 108 20.19 6.68 -8.96
C LEU B 108 20.81 7.91 -8.29
N LYS B 109 20.49 8.12 -7.01
CA LYS B 109 21.02 9.26 -6.28
C LYS B 109 22.18 8.84 -5.39
N GLN B 110 22.05 7.67 -4.78
CA GLN B 110 23.07 7.18 -3.85
C GLN B 110 22.71 5.79 -3.38
N PHE B 111 23.64 5.15 -2.69
CA PHE B 111 23.35 3.84 -2.10
C PHE B 111 24.00 3.84 -0.72
N HIS B 112 23.40 3.11 0.21
CA HIS B 112 23.95 3.09 1.57
C HIS B 112 23.76 1.72 2.20
N PHE B 113 24.23 1.57 3.44
CA PHE B 113 24.18 0.28 4.11
C PHE B 113 23.40 0.21 5.42
N HIS B 114 22.89 -0.98 5.71
CA HIS B 114 22.15 -1.24 6.94
C HIS B 114 22.65 -2.58 7.48
N THR B 115 22.95 -2.63 8.77
CA THR B 115 23.37 -3.86 9.42
C THR B 115 22.75 -3.89 10.82
N PRO B 116 21.97 -4.95 11.13
CA PRO B 116 21.66 -6.07 10.23
C PRO B 116 20.67 -5.59 9.17
N SER B 117 20.14 -6.51 8.37
CA SER B 117 19.19 -6.15 7.32
C SER B 117 17.93 -5.50 7.90
N GLU B 118 17.28 -4.68 7.09
CA GLU B 118 16.06 -4.01 7.50
C GLU B 118 14.92 -4.95 7.21
N HIS B 119 14.82 -5.42 5.97
CA HIS B 119 13.79 -6.38 5.62
C HIS B 119 14.27 -7.75 6.09
N THR B 120 13.33 -8.65 6.37
CA THR B 120 13.68 -10.00 6.76
C THR B 120 12.90 -10.88 5.79
N ILE B 121 13.46 -12.03 5.42
CA ILE B 121 12.78 -12.95 4.52
C ILE B 121 12.34 -14.16 5.31
N GLU B 122 11.03 -14.30 5.48
CA GLU B 122 10.49 -15.42 6.23
C GLU B 122 11.11 -15.44 7.61
N LYS B 123 11.15 -14.27 8.24
CA LYS B 123 11.70 -14.10 9.59
C LYS B 123 13.23 -14.13 9.61
N LYS B 124 13.85 -14.45 8.48
CA LYS B 124 15.31 -14.51 8.41
C LYS B 124 15.93 -13.14 8.21
N SER B 125 16.98 -12.86 8.98
CA SER B 125 17.69 -11.60 8.89
C SER B 125 19.06 -11.83 8.24
N TYR B 126 19.53 -10.85 7.48
CA TYR B 126 20.84 -10.94 6.83
C TYR B 126 21.78 -9.95 7.51
N PRO B 127 23.09 -10.22 7.48
CA PRO B 127 24.07 -9.34 8.10
C PRO B 127 24.11 -7.95 7.47
N LEU B 128 23.80 -7.87 6.18
CA LEU B 128 23.83 -6.57 5.50
C LEU B 128 22.77 -6.40 4.42
N GLU B 129 22.24 -5.19 4.33
CA GLU B 129 21.25 -4.86 3.31
C GLU B 129 21.74 -3.58 2.68
N ILE B 130 21.80 -3.57 1.35
CA ILE B 130 22.25 -2.39 0.61
C ILE B 130 21.04 -1.76 -0.07
N HIS B 131 20.93 -0.45 0.03
CA HIS B 131 19.83 0.29 -0.58
C HIS B 131 20.31 1.21 -1.68
N PHE B 132 19.80 1.00 -2.89
CA PHE B 132 20.13 1.85 -4.02
C PHE B 132 18.90 2.73 -4.20
N VAL B 133 19.03 4.00 -3.86
CA VAL B 133 17.92 4.96 -3.90
C VAL B 133 17.82 5.73 -5.22
N HIS B 134 16.68 5.59 -5.89
CA HIS B 134 16.44 6.27 -7.16
C HIS B 134 15.23 7.18 -7.04
N LYS B 135 15.21 8.27 -7.82
CA LYS B 135 14.08 9.19 -7.82
C LYS B 135 13.88 9.76 -9.22
N THR B 136 12.64 9.87 -9.65
CA THR B 136 12.34 10.44 -10.96
C THR B 136 12.43 11.95 -10.79
N GLU B 137 12.24 12.70 -11.88
CA GLU B 137 12.31 14.14 -11.78
C GLU B 137 11.10 14.66 -11.01
N ASP B 138 9.97 13.97 -11.12
CA ASP B 138 8.76 14.41 -10.43
C ASP B 138 8.54 13.83 -9.03
N GLY B 139 9.61 13.33 -8.43
CA GLY B 139 9.53 12.83 -7.07
C GLY B 139 9.17 11.40 -6.73
N LYS B 140 9.07 10.53 -7.73
CA LYS B 140 8.75 9.14 -7.44
C LYS B 140 10.03 8.47 -6.96
N ILE B 141 9.92 7.79 -5.83
CA ILE B 141 11.07 7.12 -5.23
C ILE B 141 11.01 5.61 -5.40
N LEU B 142 12.13 5.04 -5.82
CA LEU B 142 12.21 3.60 -6.00
C LEU B 142 13.52 3.16 -5.36
N VAL B 143 13.42 2.29 -4.36
CA VAL B 143 14.62 1.81 -3.70
C VAL B 143 14.79 0.33 -4.00
N VAL B 144 16.00 -0.03 -4.42
CA VAL B 144 16.34 -1.42 -4.73
C VAL B 144 17.14 -1.93 -3.54
N GLY B 145 16.70 -3.01 -2.93
CA GLY B 145 17.41 -3.56 -1.79
C GLY B 145 18.11 -4.86 -2.16
N VAL B 146 19.36 -4.98 -1.71
CA VAL B 146 20.16 -6.17 -1.97
C VAL B 146 20.67 -6.73 -0.66
N MET B 147 20.43 -8.01 -0.44
CA MET B 147 20.87 -8.67 0.79
C MET B 147 22.28 -9.22 0.58
N ALA B 148 23.04 -9.32 1.66
CA ALA B 148 24.39 -9.87 1.62
C ALA B 148 24.50 -10.91 2.73
N LYS B 149 24.94 -12.11 2.36
CA LYS B 149 25.12 -13.18 3.33
C LYS B 149 26.62 -13.32 3.56
N LEU B 150 27.02 -13.90 4.68
CA LEU B 150 28.43 -14.09 4.94
C LEU B 150 28.99 -15.13 3.98
N GLY B 151 30.17 -14.85 3.44
CA GLY B 151 30.81 -15.76 2.52
C GLY B 151 32.01 -15.12 1.84
N LYS B 152 32.13 -15.34 0.53
CA LYS B 152 33.23 -14.78 -0.24
C LYS B 152 33.32 -13.26 -0.09
N THR B 153 34.54 -12.77 0.11
CA THR B 153 34.76 -11.34 0.25
C THR B 153 34.37 -10.60 -1.02
N ASN B 154 33.81 -9.41 -0.86
CA ASN B 154 33.40 -8.59 -2.00
C ASN B 154 34.42 -7.48 -2.21
N LYS B 155 35.10 -7.51 -3.35
CA LYS B 155 36.12 -6.53 -3.66
C LYS B 155 35.68 -5.08 -3.70
N GLU B 156 34.51 -4.81 -4.25
CA GLU B 156 34.00 -3.44 -4.32
C GLU B 156 33.82 -2.88 -2.92
N LEU B 157 33.26 -3.68 -2.02
CA LEU B 157 33.03 -3.26 -0.66
C LEU B 157 34.35 -2.83 -0.01
N ASP B 158 35.42 -3.56 -0.30
CA ASP B 158 36.72 -3.23 0.26
C ASP B 158 37.19 -1.82 -0.09
N LYS B 159 36.93 -1.38 -1.32
CA LYS B 159 37.34 -0.04 -1.73
C LYS B 159 36.60 0.99 -0.91
N ILE B 160 35.33 0.72 -0.64
CA ILE B 160 34.51 1.63 0.15
C ILE B 160 34.98 1.65 1.61
N LEU B 161 35.06 0.47 2.22
CA LEU B 161 35.47 0.35 3.61
C LEU B 161 36.86 0.91 3.90
N ASN B 162 37.78 0.74 2.95
CA ASN B 162 39.14 1.23 3.15
C ASN B 162 39.23 2.76 3.32
N VAL B 163 38.23 3.49 2.85
CA VAL B 163 38.25 4.95 2.97
C VAL B 163 37.10 5.52 3.79
N ALA B 164 36.11 4.69 4.12
CA ALA B 164 34.96 5.13 4.89
C ALA B 164 35.36 5.75 6.23
N PRO B 165 34.95 7.00 6.47
CA PRO B 165 35.27 7.72 7.71
C PRO B 165 34.70 7.00 8.93
N ALA B 166 35.52 6.81 9.95
CA ALA B 166 35.09 6.14 11.18
C ALA B 166 34.26 7.13 12.01
N GLU B 167 34.51 8.41 11.78
CA GLU B 167 33.79 9.47 12.47
C GLU B 167 33.01 10.22 11.40
N GLU B 168 31.97 10.94 11.81
CA GLU B 168 31.17 11.68 10.84
C GLU B 168 32.04 12.60 9.99
N GLY B 169 32.05 12.33 8.70
CA GLY B 169 32.83 13.11 7.77
C GLY B 169 32.59 12.62 6.36
N GLU B 170 33.44 13.05 5.42
CA GLU B 170 33.32 12.66 4.03
C GLU B 170 34.70 12.38 3.43
N LYS B 171 34.75 11.45 2.49
CA LYS B 171 36.01 11.10 1.84
C LYS B 171 35.72 10.78 0.37
N ILE B 172 36.42 11.44 -0.53
CA ILE B 172 36.25 11.22 -1.95
C ILE B 172 37.15 10.09 -2.41
N LEU B 173 36.58 9.10 -3.08
CA LEU B 173 37.34 7.96 -3.57
C LEU B 173 38.20 8.35 -4.77
N ASP B 174 39.36 7.73 -4.89
CA ASP B 174 40.23 7.99 -6.03
C ASP B 174 40.01 6.83 -7.00
N LYS B 175 39.72 5.67 -6.42
CA LYS B 175 39.49 4.47 -7.20
C LYS B 175 38.07 4.43 -7.74
N ASN B 176 37.89 3.71 -8.84
CA ASN B 176 36.59 3.56 -9.46
C ASN B 176 35.83 2.45 -8.74
N LEU B 177 34.51 2.52 -8.78
CA LEU B 177 33.68 1.51 -8.16
C LEU B 177 32.78 0.90 -9.21
N ASN B 178 32.65 -0.42 -9.18
CA ASN B 178 31.76 -1.09 -10.10
C ASN B 178 30.57 -1.49 -9.24
N LEU B 179 29.54 -0.64 -9.24
CA LEU B 179 28.34 -0.89 -8.44
C LEU B 179 27.69 -2.21 -8.80
N ASN B 180 27.83 -2.62 -10.05
CA ASN B 180 27.23 -3.86 -10.52
C ASN B 180 27.74 -5.09 -9.78
N ASN B 181 28.92 -4.99 -9.17
CA ASN B 181 29.46 -6.12 -8.43
C ASN B 181 28.88 -6.20 -7.02
N LEU B 182 27.95 -5.31 -6.72
CA LEU B 182 27.28 -5.29 -5.41
C LEU B 182 25.85 -5.76 -5.64
N ILE B 183 25.57 -6.20 -6.87
CA ILE B 183 24.25 -6.65 -7.27
C ILE B 183 24.33 -8.05 -7.86
N PRO B 184 23.41 -8.95 -7.47
CA PRO B 184 23.44 -10.32 -8.00
C PRO B 184 23.17 -10.38 -9.51
N LYS B 185 23.67 -11.43 -10.15
CA LYS B 185 23.45 -11.61 -11.59
C LYS B 185 21.96 -11.89 -11.79
N ASP B 186 21.40 -12.71 -10.91
CA ASP B 186 19.99 -13.07 -10.95
C ASP B 186 19.20 -11.83 -10.52
N LYS B 187 18.41 -11.26 -11.44
CA LYS B 187 17.65 -10.07 -11.13
C LYS B 187 16.20 -10.29 -10.72
N ARG B 188 15.83 -11.53 -10.36
CA ARG B 188 14.45 -11.75 -9.96
C ARG B 188 14.23 -11.02 -8.65
N TYR B 189 13.05 -10.44 -8.47
CA TYR B 189 12.80 -9.65 -7.27
C TYR B 189 11.39 -9.75 -6.70
N MET B 190 11.23 -9.12 -5.54
CA MET B 190 9.96 -9.05 -4.84
C MET B 190 9.69 -7.56 -4.68
N THR B 191 8.42 -7.17 -4.76
CA THR B 191 8.10 -5.75 -4.67
C THR B 191 6.83 -5.50 -3.86
N TYR B 192 6.75 -4.31 -3.26
CA TYR B 192 5.58 -3.90 -2.49
C TYR B 192 5.62 -2.38 -2.38
N SER B 193 4.53 -1.80 -1.88
CA SER B 193 4.43 -0.36 -1.72
C SER B 193 4.77 -0.04 -0.27
N GLY B 194 5.79 0.80 -0.07
CA GLY B 194 6.19 1.14 1.28
C GLY B 194 6.63 2.58 1.50
N SER B 195 7.68 2.75 2.30
CA SER B 195 8.16 4.08 2.64
C SER B 195 9.67 4.13 2.84
N LEU B 196 10.16 5.32 3.13
CA LEU B 196 11.58 5.48 3.43
C LEU B 196 11.66 4.88 4.84
N THR B 197 12.77 4.22 5.16
CA THR B 197 12.91 3.60 6.47
C THR B 197 13.51 4.51 7.52
N THR B 198 13.71 5.79 7.17
CA THR B 198 14.23 6.77 8.10
C THR B 198 13.35 8.01 7.95
N PRO B 199 13.25 8.83 9.01
CA PRO B 199 12.43 10.04 8.92
C PRO B 199 12.85 10.83 7.69
N PRO B 200 11.90 11.49 7.00
CA PRO B 200 10.46 11.59 7.25
C PRO B 200 9.56 10.38 7.02
N CYS B 201 10.12 9.24 6.62
CA CYS B 201 9.35 8.02 6.38
C CYS B 201 8.27 8.18 5.30
N THR B 202 8.49 9.08 4.35
CA THR B 202 7.53 9.31 3.28
C THR B 202 7.03 8.01 2.64
N GLU B 203 5.72 7.90 2.43
CA GLU B 203 5.19 6.70 1.80
C GLU B 203 5.06 6.91 0.29
N GLY B 204 4.50 5.92 -0.41
CA GLY B 204 4.39 6.04 -1.85
C GLY B 204 5.69 5.56 -2.50
N VAL B 205 6.53 4.94 -1.70
CA VAL B 205 7.82 4.44 -2.18
C VAL B 205 7.68 3.06 -2.82
N ARG B 206 8.31 2.87 -3.97
CA ARG B 206 8.25 1.57 -4.65
C ARG B 206 9.48 0.79 -4.20
N TRP B 207 9.23 -0.33 -3.51
CA TRP B 207 10.34 -1.16 -3.04
C TRP B 207 10.57 -2.38 -3.92
N ILE B 208 11.82 -2.59 -4.26
CA ILE B 208 12.22 -3.74 -5.07
C ILE B 208 13.35 -4.42 -4.32
N VAL B 209 13.09 -5.65 -3.85
CA VAL B 209 14.09 -6.40 -3.10
C VAL B 209 14.52 -7.63 -3.90
N LEU B 210 15.80 -7.71 -4.24
CA LEU B 210 16.31 -8.84 -5.00
C LEU B 210 16.19 -10.13 -4.20
N LYS B 211 15.78 -11.22 -4.84
CA LYS B 211 15.65 -12.48 -4.14
C LYS B 211 17.00 -13.11 -3.80
N LYS B 212 17.97 -12.99 -4.71
CA LYS B 212 19.27 -13.57 -4.46
C LYS B 212 20.25 -12.60 -3.82
N PRO B 213 20.91 -13.02 -2.74
CA PRO B 213 21.88 -12.17 -2.05
C PRO B 213 23.29 -12.26 -2.62
N ILE B 214 24.12 -11.30 -2.24
CA ILE B 214 25.52 -11.30 -2.68
C ILE B 214 26.25 -11.77 -1.43
N SER B 215 27.58 -11.77 -1.47
CA SER B 215 28.32 -12.22 -0.29
C SER B 215 29.38 -11.24 0.15
N ILE B 216 29.66 -11.23 1.45
CA ILE B 216 30.69 -10.38 2.03
C ILE B 216 31.36 -11.23 3.09
N SER B 217 32.67 -11.04 3.27
CA SER B 217 33.40 -11.82 4.27
C SER B 217 33.05 -11.37 5.67
N LYS B 218 33.22 -12.27 6.63
CA LYS B 218 32.94 -11.95 8.03
C LYS B 218 33.77 -10.76 8.45
N GLN B 219 35.00 -10.70 7.94
CA GLN B 219 35.91 -9.60 8.28
C GLN B 219 35.37 -8.28 7.74
N GLN B 220 34.77 -8.31 6.56
CA GLN B 220 34.22 -7.09 5.96
C GLN B 220 33.08 -6.54 6.81
N LEU B 221 32.25 -7.45 7.33
CA LEU B 221 31.13 -7.04 8.19
C LEU B 221 31.68 -6.38 9.44
N GLU B 222 32.74 -6.98 10.01
CA GLU B 222 33.35 -6.43 11.21
C GLU B 222 33.93 -5.05 10.92
N LYS B 223 34.55 -4.90 9.75
CA LYS B 223 35.13 -3.63 9.36
C LYS B 223 34.04 -2.57 9.21
N LEU B 224 32.92 -2.94 8.61
CA LEU B 224 31.83 -2.00 8.42
C LEU B 224 31.28 -1.53 9.77
N LYS B 225 31.12 -2.46 10.70
CA LYS B 225 30.59 -2.12 12.01
C LYS B 225 31.57 -1.26 12.82
N SER B 226 32.84 -1.25 12.42
CA SER B 226 33.84 -0.47 13.13
C SER B 226 33.77 1.00 12.75
N VAL B 227 33.17 1.30 11.61
CA VAL B 227 33.07 2.68 11.15
C VAL B 227 31.64 3.23 11.07
N MET B 228 30.66 2.34 10.91
CA MET B 228 29.27 2.77 10.79
C MET B 228 28.43 2.47 12.03
N VAL B 229 27.55 3.41 12.37
CA VAL B 229 26.65 3.25 13.52
C VAL B 229 25.90 1.94 13.30
N ASN B 230 25.80 1.13 14.35
CA ASN B 230 25.08 -0.15 14.24
C ASN B 230 24.64 -0.65 15.60
N PRO B 231 23.50 -1.36 15.65
CA PRO B 231 22.64 -1.69 14.51
C PRO B 231 21.90 -0.45 14.01
N ASN B 232 21.73 -0.34 12.70
CA ASN B 232 21.03 0.80 12.12
C ASN B 232 19.88 0.37 11.22
N ASN B 233 19.18 -0.67 11.65
CA ASN B 233 18.02 -1.16 10.92
C ASN B 233 16.78 -0.76 11.70
N ARG B 234 15.76 -0.29 10.98
CA ARG B 234 14.51 0.09 11.61
C ARG B 234 13.72 -1.19 11.88
N PRO B 235 12.98 -1.24 13.00
CA PRO B 235 12.19 -2.43 13.31
C PRO B 235 11.19 -2.70 12.19
N VAL B 236 10.88 -3.96 11.93
CA VAL B 236 9.92 -4.27 10.87
C VAL B 236 8.56 -3.67 11.22
N GLN B 237 7.85 -3.23 10.20
CA GLN B 237 6.54 -2.59 10.35
C GLN B 237 5.39 -3.51 9.97
N GLU B 238 4.19 -3.17 10.43
CA GLU B 238 2.99 -3.96 10.14
C GLU B 238 2.68 -3.97 8.65
N ILE B 239 2.42 -5.16 8.12
CA ILE B 239 2.10 -5.31 6.71
C ILE B 239 0.74 -4.68 6.40
N ASN B 240 -0.14 -4.71 7.39
CA ASN B 240 -1.48 -4.17 7.25
C ASN B 240 -2.23 -4.76 6.05
N SER B 241 -2.71 -3.93 5.13
CA SER B 241 -3.48 -4.47 3.99
C SER B 241 -2.69 -4.70 2.70
N ARG B 242 -1.37 -4.82 2.81
CA ARG B 242 -0.52 -5.00 1.64
C ARG B 242 -0.19 -6.42 1.23
N TRP B 243 0.09 -6.58 -0.06
CA TRP B 243 0.52 -7.85 -0.63
C TRP B 243 1.92 -7.60 -1.19
N ILE B 244 2.73 -8.65 -1.23
CA ILE B 244 4.07 -8.58 -1.78
C ILE B 244 3.96 -9.40 -3.06
N ILE B 245 4.59 -8.94 -4.14
CA ILE B 245 4.55 -9.67 -5.39
C ILE B 245 5.96 -10.04 -5.82
N GLU B 246 6.15 -11.31 -6.15
CA GLU B 246 7.45 -11.78 -6.61
C GLU B 246 7.31 -12.06 -8.10
N GLY B 247 8.25 -11.57 -8.90
CA GLY B 247 8.15 -11.79 -10.33
C GLY B 247 8.68 -13.13 -10.82
N PHE B 248 8.01 -13.72 -11.81
CA PHE B 248 8.45 -14.98 -12.37
C PHE B 248 9.82 -14.75 -13.02
#